data_8OR1
#
_entry.id   8OR1
#
_cell.length_a   73.459
_cell.length_b   73.459
_cell.length_c   95.156
_cell.angle_alpha   90.00
_cell.angle_beta   90.00
_cell.angle_gamma   120.00
#
_symmetry.space_group_name_H-M   'P 31 2 1'
#
loop_
_entity.id
_entity.type
_entity.pdbx_description
1 polymer 'Programmed cell death 1 ligand 1'
2 non-polymer 5-[[5-[[2-chloranyl-3-(2-fluorophenyl)phenyl]methoxy]-2-[(~{E})-2-hydroxyethyliminomethyl]phenoxy]methyl]pyridine-3-carbonitrile
#
_entity_poly.entity_id   1
_entity_poly.type   'polypeptide(L)'
_entity_poly.pdbx_seq_one_letter_code
;AFTVTVPKDLYVVEYGSNMTIECKFPVEKQLDLAALIVYWEMEDKNIIQFVHGEEDLKVQHSSYRQRARLLKDQLSLGNA
ALQITDVKLQDAGVYRCMISYGGADYKRITVKVNAP
;
_entity_poly.pdbx_strand_id   A,B
#
loop_
_chem_comp.id
_chem_comp.type
_chem_comp.name
_chem_comp.formula
VYC non-polymer 5-[[5-[[2-chloranyl-3-(2-fluorophenyl)phenyl]methoxy]-2-[(~{E})-2-hydroxyethyliminomethyl]phenoxy]methyl]pyridine-3-carbonitrile 'C29 H25 Cl F N3 O3'
#
# COMPACT_ATOMS: atom_id res chain seq x y z
N ALA A 1 13.98 -3.00 12.60
CA ALA A 1 13.34 -2.62 11.34
C ALA A 1 12.30 -3.66 10.91
N PHE A 2 11.01 -3.30 11.01
CA PHE A 2 9.92 -4.16 10.58
C PHE A 2 9.82 -4.24 9.05
N THR A 3 10.37 -5.31 8.47
CA THR A 3 10.24 -5.60 7.05
C THR A 3 9.47 -6.92 6.91
N VAL A 4 8.79 -7.09 5.77
CA VAL A 4 7.92 -8.23 5.55
C VAL A 4 8.29 -8.99 4.27
N THR A 5 8.75 -10.23 4.45
CA THR A 5 9.27 -11.03 3.35
C THR A 5 8.22 -11.91 2.67
N VAL A 6 8.39 -12.07 1.36
CA VAL A 6 7.71 -13.09 0.59
C VAL A 6 8.67 -14.27 0.44
N PRO A 7 8.19 -15.53 0.46
CA PRO A 7 9.06 -16.67 0.15
C PRO A 7 9.59 -16.64 -1.28
N LYS A 8 8.67 -16.54 -2.25
CA LYS A 8 9.03 -16.51 -3.66
C LYS A 8 8.25 -15.43 -4.42
N ASP A 9 8.96 -14.75 -5.34
CA ASP A 9 8.43 -13.59 -6.04
C ASP A 9 7.60 -13.94 -7.27
N LEU A 10 7.55 -15.22 -7.62
CA LEU A 10 6.84 -15.68 -8.81
C LEU A 10 6.16 -17.02 -8.57
N TYR A 11 4.83 -17.04 -8.68
CA TYR A 11 4.07 -18.28 -8.61
C TYR A 11 3.56 -18.68 -10.00
N VAL A 12 3.73 -19.96 -10.33
CA VAL A 12 3.41 -20.49 -11.66
C VAL A 12 2.48 -21.69 -11.55
N VAL A 13 1.18 -21.46 -11.68
CA VAL A 13 0.17 -22.47 -11.44
C VAL A 13 -0.72 -22.65 -12.66
N GLU A 14 -1.27 -23.86 -12.83
CA GLU A 14 -2.09 -24.17 -13.99
C GLU A 14 -3.51 -23.66 -13.83
N TYR A 15 -4.27 -23.71 -14.94
CA TYR A 15 -5.67 -23.28 -14.98
C TYR A 15 -6.57 -24.32 -14.29
N GLY A 16 -7.37 -23.87 -13.33
CA GLY A 16 -8.23 -24.76 -12.55
C GLY A 16 -7.58 -25.24 -11.26
N SER A 17 -6.24 -25.38 -11.28
CA SER A 17 -5.48 -25.72 -10.10
C SER A 17 -5.65 -24.66 -9.02
N ASN A 18 -5.82 -25.10 -7.77
CA ASN A 18 -6.00 -24.18 -6.64
C ASN A 18 -4.63 -23.66 -6.19
N MET A 19 -4.57 -22.36 -5.92
CA MET A 19 -3.33 -21.67 -5.61
C MET A 19 -3.43 -21.06 -4.22
N THR A 20 -2.27 -20.90 -3.58
CA THR A 20 -2.17 -20.17 -2.32
C THR A 20 -0.82 -19.46 -2.26
N ILE A 21 -0.85 -18.18 -1.90
CA ILE A 21 0.34 -17.34 -1.89
C ILE A 21 0.54 -16.72 -0.51
N GLU A 22 1.81 -16.52 -0.14
CA GLU A 22 2.18 -16.25 1.24
C GLU A 22 2.92 -14.93 1.43
N CYS A 23 2.79 -14.37 2.64
CA CYS A 23 3.51 -13.18 3.05
C CYS A 23 3.89 -13.30 4.53
N LYS A 24 5.14 -13.69 4.77
CA LYS A 24 5.62 -13.97 6.11
C LYS A 24 5.91 -12.66 6.80
N PHE A 25 5.34 -12.46 7.99
CA PHE A 25 5.64 -11.28 8.79
C PHE A 25 6.04 -11.70 10.22
N PRO A 26 6.81 -10.84 10.94
CA PRO A 26 7.16 -11.14 12.33
C PRO A 26 5.96 -11.15 13.30
N VAL A 27 5.92 -12.17 14.16
CA VAL A 27 4.98 -12.22 15.27
C VAL A 27 5.75 -12.53 16.55
N GLU A 28 5.41 -11.79 17.61
CA GLU A 28 6.14 -11.83 18.87
C GLU A 28 5.49 -12.85 19.82
N LYS A 29 5.70 -14.14 19.50
CA LYS A 29 5.07 -15.26 20.18
C LYS A 29 3.55 -15.28 19.96
N GLN A 30 2.82 -14.36 20.60
CA GLN A 30 1.37 -14.28 20.48
C GLN A 30 0.95 -13.19 19.51
N LEU A 31 -0.34 -13.21 19.14
CA LEU A 31 -0.87 -12.31 18.13
C LEU A 31 -2.02 -11.46 18.67
N ASP A 32 -2.14 -10.23 18.16
CA ASP A 32 -3.13 -9.27 18.61
C ASP A 32 -4.00 -8.79 17.44
N LEU A 33 -5.31 -8.94 17.59
CA LEU A 33 -6.29 -8.56 16.58
C LEU A 33 -6.36 -7.05 16.39
N ALA A 34 -6.52 -6.32 17.50
CA ALA A 34 -6.63 -4.87 17.50
C ALA A 34 -5.46 -4.19 16.80
N ALA A 35 -4.30 -4.88 16.75
CA ALA A 35 -3.13 -4.38 16.04
C ALA A 35 -3.21 -4.66 14.54
N LEU A 36 -3.58 -5.89 14.17
CA LEU A 36 -3.36 -6.40 12.82
C LEU A 36 -4.39 -5.94 11.78
N ILE A 37 -3.86 -5.35 10.69
CA ILE A 37 -4.63 -5.00 9.52
C ILE A 37 -3.94 -5.52 8.26
N VAL A 38 -4.69 -6.24 7.41
CA VAL A 38 -4.15 -6.87 6.22
C VAL A 38 -5.01 -6.53 5.00
N TYR A 39 -4.38 -6.45 3.83
CA TYR A 39 -5.04 -6.12 2.58
C TYR A 39 -4.41 -6.85 1.40
N TRP A 40 -5.21 -7.23 0.41
CA TRP A 40 -4.70 -7.82 -0.82
C TRP A 40 -5.31 -7.19 -2.07
N GLU A 41 -4.51 -7.14 -3.14
CA GLU A 41 -4.83 -6.35 -4.32
C GLU A 41 -4.20 -6.97 -5.57
N MET A 42 -4.83 -6.73 -6.72
CA MET A 42 -4.23 -7.02 -8.02
C MET A 42 -4.83 -6.05 -9.03
N GLU A 43 -4.03 -5.03 -9.39
CA GLU A 43 -4.44 -3.99 -10.33
C GLU A 43 -5.65 -3.23 -9.80
N ASP A 44 -5.54 -2.74 -8.55
CA ASP A 44 -6.55 -1.92 -7.90
C ASP A 44 -7.89 -2.64 -7.70
N LYS A 45 -7.83 -3.97 -7.56
CA LYS A 45 -9.02 -4.77 -7.26
C LYS A 45 -8.97 -5.26 -5.83
N ASN A 46 -10.04 -5.01 -5.06
CA ASN A 46 -10.12 -5.46 -3.69
C ASN A 46 -10.26 -6.98 -3.67
N ILE A 47 -9.28 -7.66 -3.05
CA ILE A 47 -9.29 -9.11 -2.96
C ILE A 47 -9.58 -9.53 -1.53
N ILE A 48 -8.84 -8.93 -0.58
CA ILE A 48 -9.10 -9.08 0.84
C ILE A 48 -9.02 -7.70 1.48
N GLN A 49 -9.89 -7.48 2.47
CA GLN A 49 -9.82 -6.31 3.33
C GLN A 49 -10.12 -6.77 4.76
N PHE A 50 -9.05 -7.00 5.53
CA PHE A 50 -9.14 -7.64 6.83
C PHE A 50 -8.67 -6.70 7.94
N VAL A 51 -9.63 -6.22 8.75
CA VAL A 51 -9.37 -5.17 9.72
C VAL A 51 -9.65 -5.64 11.14
N HIS A 52 -8.59 -6.12 11.82
CA HIS A 52 -8.68 -6.56 13.20
C HIS A 52 -9.67 -7.71 13.36
N GLY A 53 -9.76 -8.58 12.35
CA GLY A 53 -10.67 -9.71 12.39
C GLY A 53 -12.04 -9.42 11.79
N GLU A 54 -12.06 -8.76 10.62
CA GLU A 54 -13.29 -8.36 9.97
C GLU A 54 -13.09 -8.34 8.46
N GLU A 55 -13.47 -9.44 7.80
CA GLU A 55 -13.60 -9.45 6.36
C GLU A 55 -15.02 -8.99 6.02
N ASP A 56 -15.12 -7.87 5.31
CA ASP A 56 -16.37 -7.42 4.73
C ASP A 56 -16.44 -7.96 3.30
N LEU A 57 -17.56 -8.64 2.99
CA LEU A 57 -17.71 -9.38 1.75
C LEU A 57 -18.18 -8.50 0.59
N LYS A 58 -18.94 -7.44 0.92
CA LYS A 58 -19.40 -6.48 -0.07
C LYS A 58 -18.25 -5.70 -0.70
N VAL A 59 -17.25 -5.36 0.13
CA VAL A 59 -16.12 -4.55 -0.28
C VAL A 59 -15.23 -5.29 -1.28
N GLN A 60 -15.20 -6.62 -1.18
CA GLN A 60 -14.43 -7.45 -2.10
C GLN A 60 -14.96 -7.29 -3.53
N HIS A 61 -14.07 -7.50 -4.51
CA HIS A 61 -14.40 -7.32 -5.92
C HIS A 61 -15.39 -8.41 -6.35
N SER A 62 -16.24 -8.05 -7.32
CA SER A 62 -17.31 -8.92 -7.79
C SER A 62 -16.83 -10.22 -8.43
N SER A 63 -15.67 -10.16 -9.10
CA SER A 63 -15.10 -11.31 -9.80
C SER A 63 -14.06 -12.04 -8.96
N TYR A 64 -14.39 -12.28 -7.69
CA TYR A 64 -13.47 -12.91 -6.74
C TYR A 64 -14.17 -13.59 -5.56
N ARG A 65 -15.51 -13.75 -5.64
CA ARG A 65 -16.33 -13.91 -4.45
C ARG A 65 -16.35 -15.31 -3.85
N GLN A 66 -16.66 -16.33 -4.65
CA GLN A 66 -16.63 -17.71 -4.18
C GLN A 66 -15.34 -18.37 -4.65
N ARG A 67 -14.20 -17.86 -4.17
CA ARG A 67 -12.90 -18.34 -4.62
C ARG A 67 -11.75 -17.77 -3.80
N ALA A 68 -11.71 -16.44 -3.64
CA ALA A 68 -10.62 -15.78 -2.94
C ALA A 68 -10.91 -15.58 -1.45
N ARG A 69 -10.38 -16.49 -0.62
CA ARG A 69 -10.46 -16.32 0.82
C ARG A 69 -9.06 -16.42 1.42
N LEU A 70 -8.82 -15.62 2.46
CA LEU A 70 -7.58 -15.66 3.23
C LEU A 70 -7.72 -16.71 4.33
N LEU A 71 -6.70 -17.57 4.47
CA LEU A 71 -6.70 -18.59 5.50
C LEU A 71 -6.48 -17.96 6.86
N LYS A 72 -7.49 -18.06 7.73
CA LYS A 72 -7.54 -17.34 8.99
C LYS A 72 -6.52 -17.92 9.98
N ASP A 73 -6.54 -19.25 10.10
CA ASP A 73 -5.61 -19.99 10.94
C ASP A 73 -4.13 -19.66 10.69
N GLN A 74 -3.77 -19.40 9.43
CA GLN A 74 -2.39 -19.15 9.04
C GLN A 74 -1.76 -17.89 9.64
N LEU A 75 -2.61 -16.94 10.03
CA LEU A 75 -2.14 -15.67 10.56
C LEU A 75 -1.58 -15.82 11.97
N SER A 76 -2.02 -16.85 12.71
CA SER A 76 -1.42 -17.20 14.00
C SER A 76 0.06 -17.54 13.84
N LEU A 77 0.38 -18.20 12.72
CA LEU A 77 1.73 -18.63 12.42
C LEU A 77 2.64 -17.45 12.08
N GLY A 78 2.05 -16.36 11.59
CA GLY A 78 2.80 -15.21 11.12
C GLY A 78 2.90 -15.23 9.60
N ASN A 79 1.75 -15.47 8.94
CA ASN A 79 1.71 -15.58 7.50
C ASN A 79 0.31 -15.31 6.95
N ALA A 80 0.21 -14.25 6.14
CA ALA A 80 -1.01 -13.97 5.38
C ALA A 80 -1.05 -14.88 4.15
N ALA A 81 -1.82 -15.96 4.24
CA ALA A 81 -1.92 -16.94 3.16
C ALA A 81 -3.20 -16.76 2.38
N LEU A 82 -3.11 -16.10 1.22
CA LEU A 82 -4.27 -15.87 0.36
C LEU A 82 -4.47 -17.07 -0.56
N GLN A 83 -5.66 -17.68 -0.50
CA GLN A 83 -6.00 -18.81 -1.35
C GLN A 83 -6.95 -18.39 -2.47
N ILE A 84 -6.71 -18.93 -3.67
CA ILE A 84 -7.65 -18.91 -4.76
C ILE A 84 -7.97 -20.35 -5.16
N THR A 85 -9.26 -20.69 -5.26
CA THR A 85 -9.68 -21.97 -5.80
C THR A 85 -10.21 -21.76 -7.22
N ASP A 86 -9.90 -22.71 -8.11
CA ASP A 86 -10.28 -22.65 -9.51
C ASP A 86 -9.69 -21.41 -10.18
N VAL A 87 -8.40 -21.51 -10.54
CA VAL A 87 -7.67 -20.41 -11.12
C VAL A 87 -8.08 -20.20 -12.58
N LYS A 88 -8.10 -18.93 -13.00
CA LYS A 88 -8.41 -18.53 -14.35
C LYS A 88 -7.22 -17.79 -14.95
N LEU A 89 -7.25 -17.61 -16.27
CA LEU A 89 -6.26 -16.80 -16.97
C LEU A 89 -6.39 -15.36 -16.50
N GLN A 90 -7.65 -14.95 -16.29
CA GLN A 90 -8.00 -13.60 -15.86
C GLN A 90 -7.29 -13.21 -14.57
N ASP A 91 -7.04 -14.18 -13.69
CA ASP A 91 -6.39 -13.94 -12.41
C ASP A 91 -4.89 -13.71 -12.50
N ALA A 92 -4.27 -14.08 -13.64
CA ALA A 92 -2.85 -13.89 -13.82
C ALA A 92 -2.51 -12.40 -13.79
N GLY A 93 -1.38 -12.06 -13.18
CA GLY A 93 -0.98 -10.66 -13.03
C GLY A 93 -0.08 -10.42 -11.82
N VAL A 94 0.02 -9.16 -11.40
CA VAL A 94 0.84 -8.77 -10.27
C VAL A 94 -0.04 -8.53 -9.05
N TYR A 95 0.27 -9.24 -7.96
CA TYR A 95 -0.49 -9.20 -6.72
C TYR A 95 0.24 -8.42 -5.63
N ARG A 96 -0.34 -7.29 -5.23
CA ARG A 96 0.10 -6.57 -4.05
C ARG A 96 -0.55 -7.17 -2.80
N CYS A 97 0.19 -7.15 -1.69
CA CYS A 97 -0.43 -7.32 -0.39
C CYS A 97 -0.20 -6.03 0.41
N MET A 98 -0.59 -6.04 1.67
CA MET A 98 0.07 -5.23 2.65
C MET A 98 -0.51 -5.25 4.05
N ILE A 99 0.34 -4.98 5.03
CA ILE A 99 0.13 -5.40 6.41
C ILE A 99 0.65 -4.35 7.37
N SER A 100 -0.10 -4.14 8.45
CA SER A 100 0.31 -3.29 9.56
C SER A 100 0.08 -4.02 10.88
N TYR A 101 1.17 -4.51 11.46
CA TYR A 101 1.18 -5.08 12.80
C TYR A 101 2.46 -4.63 13.48
N GLY A 102 2.35 -3.62 14.35
CA GLY A 102 3.51 -2.95 14.92
C GLY A 102 4.10 -1.95 13.92
N GLY A 103 4.83 -2.48 12.93
CA GLY A 103 5.30 -1.69 11.81
C GLY A 103 4.36 -1.78 10.62
N ALA A 104 4.90 -1.58 9.41
CA ALA A 104 4.14 -1.74 8.18
C ALA A 104 5.08 -1.84 6.98
N ASP A 105 4.62 -2.55 5.93
CA ASP A 105 5.40 -2.71 4.70
C ASP A 105 4.46 -3.19 3.60
N TYR A 106 4.97 -3.36 2.36
CA TYR A 106 4.24 -4.08 1.33
C TYR A 106 5.16 -4.80 0.36
N LYS A 107 4.59 -5.73 -0.41
CA LYS A 107 5.32 -6.51 -1.39
C LYS A 107 4.44 -6.89 -2.58
N ARG A 108 5.06 -6.99 -3.77
CA ARG A 108 4.41 -7.42 -5.00
C ARG A 108 4.83 -8.85 -5.32
N ILE A 109 3.91 -9.62 -5.92
CA ILE A 109 4.16 -11.00 -6.30
C ILE A 109 3.63 -11.22 -7.72
N THR A 110 4.50 -11.72 -8.61
CA THR A 110 4.10 -12.02 -9.98
C THR A 110 3.42 -13.39 -10.02
N VAL A 111 2.34 -13.49 -10.79
CA VAL A 111 1.55 -14.70 -10.90
C VAL A 111 1.27 -14.98 -12.38
N LYS A 112 1.72 -16.15 -12.85
CA LYS A 112 1.62 -16.52 -14.27
C LYS A 112 0.98 -17.89 -14.44
N VAL A 113 -0.19 -17.93 -15.08
CA VAL A 113 -0.98 -19.14 -15.17
C VAL A 113 -0.60 -19.97 -16.41
N ASN A 114 -0.71 -21.29 -16.29
CA ASN A 114 -0.44 -22.23 -17.37
C ASN A 114 -1.72 -22.96 -17.79
N ALA A 115 -1.62 -23.67 -18.91
CA ALA A 115 -2.68 -24.53 -19.43
C ALA A 115 -2.11 -25.47 -20.48
N PRO A 116 -1.76 -26.73 -20.13
CA PRO A 116 -1.06 -27.63 -21.04
C PRO A 116 -1.96 -28.25 -22.11
N ALA B 1 -13.27 2.60 11.88
CA ALA B 1 -13.77 3.73 11.09
C ALA B 1 -12.68 4.67 10.59
N PHE B 2 -11.40 4.26 10.70
CA PHE B 2 -10.27 5.06 10.23
C PHE B 2 -10.16 5.03 8.71
N THR B 3 -10.66 6.10 8.07
CA THR B 3 -10.50 6.30 6.64
C THR B 3 -9.68 7.57 6.42
N VAL B 4 -9.00 7.65 5.28
CA VAL B 4 -8.10 8.76 4.99
C VAL B 4 -8.44 9.45 3.68
N THR B 5 -8.89 10.71 3.78
CA THR B 5 -9.40 11.46 2.63
C THR B 5 -8.33 12.30 1.94
N VAL B 6 -8.49 12.40 0.60
CA VAL B 6 -7.77 13.37 -0.20
C VAL B 6 -8.71 14.55 -0.42
N PRO B 7 -8.20 15.81 -0.48
CA PRO B 7 -9.02 16.94 -0.89
C PRO B 7 -9.52 16.83 -2.33
N LYS B 8 -8.58 16.64 -3.27
CA LYS B 8 -8.90 16.54 -4.69
C LYS B 8 -8.14 15.41 -5.37
N ASP B 9 -8.84 14.70 -6.27
CA ASP B 9 -8.32 13.50 -6.90
C ASP B 9 -7.43 13.77 -8.12
N LEU B 10 -7.34 15.03 -8.54
CA LEU B 10 -6.62 15.40 -9.74
C LEU B 10 -5.91 16.75 -9.58
N TYR B 11 -4.57 16.74 -9.68
CA TYR B 11 -3.79 17.97 -9.67
C TYR B 11 -3.25 18.26 -11.08
N VAL B 12 -3.39 19.51 -11.52
CA VAL B 12 -3.02 19.92 -12.87
C VAL B 12 -2.09 21.13 -12.82
N VAL B 13 -0.78 20.87 -12.90
CA VAL B 13 0.23 21.90 -12.70
C VAL B 13 1.15 21.99 -13.92
N GLU B 14 1.73 23.17 -14.15
CA GLU B 14 2.62 23.37 -15.29
C GLU B 14 4.03 22.84 -15.02
N TYR B 15 4.83 22.81 -16.10
CA TYR B 15 6.21 22.38 -16.06
C TYR B 15 7.09 23.45 -15.40
N GLY B 16 7.87 23.05 -14.39
CA GLY B 16 8.70 23.97 -13.64
C GLY B 16 8.01 24.54 -12.40
N SER B 17 6.68 24.69 -12.47
CA SER B 17 5.88 25.12 -11.35
C SER B 17 6.00 24.13 -10.19
N ASN B 18 6.12 24.65 -8.97
CA ASN B 18 6.26 23.80 -7.79
C ASN B 18 4.88 23.34 -7.34
N MET B 19 4.80 22.05 -6.98
CA MET B 19 3.54 21.39 -6.66
C MET B 19 3.60 20.86 -5.23
N THR B 20 2.42 20.74 -4.60
CA THR B 20 2.29 20.08 -3.32
C THR B 20 0.93 19.40 -3.24
N ILE B 21 0.94 18.12 -2.82
CA ILE B 21 -0.26 17.31 -2.80
C ILE B 21 -0.51 16.79 -1.38
N GLU B 22 -1.79 16.64 -1.02
CA GLU B 22 -2.19 16.46 0.36
C GLU B 22 -2.96 15.17 0.61
N CYS B 23 -2.87 14.67 1.86
CA CYS B 23 -3.62 13.51 2.31
C CYS B 23 -4.01 13.72 3.77
N LYS B 24 -5.26 14.14 3.99
CA LYS B 24 -5.75 14.47 5.30
C LYS B 24 -6.07 13.18 6.05
N PHE B 25 -5.50 13.03 7.26
CA PHE B 25 -5.82 11.90 8.11
C PHE B 25 -6.21 12.38 9.51
N PRO B 26 -6.99 11.59 10.28
CA PRO B 26 -7.34 11.95 11.66
C PRO B 26 -6.14 11.97 12.61
N VAL B 27 -6.06 13.04 13.43
CA VAL B 27 -5.12 13.13 14.53
C VAL B 27 -5.88 13.60 15.77
N GLU B 28 -5.59 12.98 16.92
CA GLU B 28 -6.30 13.25 18.16
C GLU B 28 -5.58 14.35 18.95
N LYS B 29 -5.73 15.59 18.46
CA LYS B 29 -5.03 16.76 18.96
C LYS B 29 -3.52 16.66 18.72
N GLN B 30 -2.83 15.82 19.50
CA GLN B 30 -1.39 15.66 19.39
C GLN B 30 -1.02 14.39 18.63
N LEU B 31 0.26 14.29 18.25
CA LEU B 31 0.75 13.25 17.37
C LEU B 31 1.82 12.38 18.01
N ASP B 32 1.87 11.10 17.61
CA ASP B 32 2.81 10.14 18.15
C ASP B 32 3.67 9.54 17.03
N LEU B 33 5.00 9.64 17.19
CA LEU B 33 5.95 9.16 16.20
C LEU B 33 5.97 7.64 16.09
N ALA B 34 6.08 6.97 17.24
CA ALA B 34 6.12 5.52 17.30
C ALA B 34 4.93 4.86 16.62
N ALA B 35 3.80 5.59 16.52
CA ALA B 35 2.62 5.12 15.81
C ALA B 35 2.73 5.33 14.30
N LEU B 36 3.17 6.53 13.90
CA LEU B 36 3.00 6.99 12.52
C LEU B 36 4.00 6.45 11.51
N ILE B 37 3.47 5.84 10.44
CA ILE B 37 4.24 5.43 9.28
C ILE B 37 3.58 5.95 8.01
N VAL B 38 4.38 6.58 7.15
CA VAL B 38 3.90 7.21 5.92
C VAL B 38 4.76 6.77 4.74
N TYR B 39 4.13 6.67 3.57
CA TYR B 39 4.80 6.23 2.35
C TYR B 39 4.18 6.91 1.12
N TRP B 40 5.04 7.23 0.14
CA TRP B 40 4.57 7.78 -1.13
C TRP B 40 5.20 7.06 -2.32
N GLU B 41 4.39 6.96 -3.38
CA GLU B 41 4.71 6.10 -4.51
C GLU B 41 4.11 6.65 -5.80
N MET B 42 4.76 6.33 -6.93
CA MET B 42 4.20 6.57 -8.25
C MET B 42 4.77 5.52 -9.19
N GLU B 43 3.96 4.50 -9.49
CA GLU B 43 4.36 3.40 -10.36
C GLU B 43 5.54 2.64 -9.77
N ASP B 44 5.38 2.24 -8.51
CA ASP B 44 6.36 1.43 -7.79
C ASP B 44 7.72 2.13 -7.60
N LYS B 45 7.71 3.47 -7.55
CA LYS B 45 8.91 4.25 -7.32
C LYS B 45 8.86 4.86 -5.92
N ASN B 46 9.93 4.65 -5.15
CA ASN B 46 10.01 5.17 -3.80
C ASN B 46 10.16 6.69 -3.85
N ILE B 47 9.19 7.40 -3.28
CA ILE B 47 9.22 8.85 -3.26
C ILE B 47 9.49 9.35 -1.84
N ILE B 48 8.73 8.81 -0.89
CA ILE B 48 8.97 9.03 0.54
C ILE B 48 8.84 7.68 1.24
N GLN B 49 9.70 7.48 2.24
CA GLN B 49 9.59 6.34 3.14
C GLN B 49 9.87 6.85 4.56
N PHE B 50 8.80 7.11 5.31
CA PHE B 50 8.89 7.78 6.59
C PHE B 50 8.37 6.87 7.71
N VAL B 51 9.30 6.37 8.54
CA VAL B 51 8.96 5.36 9.53
C VAL B 51 9.24 5.84 10.95
N HIS B 52 8.21 6.41 11.59
CA HIS B 52 8.30 6.89 12.96
C HIS B 52 9.36 7.98 13.10
N GLY B 53 9.53 8.80 12.06
CA GLY B 53 10.52 9.87 12.07
C GLY B 53 11.88 9.45 11.55
N GLU B 54 11.87 8.78 10.40
CA GLU B 54 13.09 8.31 9.74
C GLU B 54 12.90 8.32 8.23
N GLU B 55 13.34 9.41 7.58
CA GLU B 55 13.47 9.41 6.14
C GLU B 55 14.88 8.94 5.81
N ASP B 56 14.97 7.81 5.11
CA ASP B 56 16.24 7.33 4.56
C ASP B 56 16.33 7.84 3.12
N LEU B 57 17.47 8.48 2.81
CA LEU B 57 17.65 9.16 1.54
C LEU B 57 18.11 8.22 0.42
N LYS B 58 18.85 7.16 0.77
CA LYS B 58 19.28 6.15 -0.17
C LYS B 58 18.11 5.38 -0.78
N VAL B 59 17.10 5.11 0.06
CA VAL B 59 15.96 4.30 -0.33
C VAL B 59 15.09 5.01 -1.35
N GLN B 60 15.08 6.35 -1.30
CA GLN B 60 14.33 7.15 -2.26
C GLN B 60 14.86 6.93 -3.68
N HIS B 61 13.98 7.10 -4.67
CA HIS B 61 14.33 6.85 -6.06
C HIS B 61 15.34 7.89 -6.53
N SER B 62 16.20 7.48 -7.48
CA SER B 62 17.30 8.29 -7.97
C SER B 62 16.85 9.57 -8.66
N SER B 63 15.70 9.51 -9.35
CA SER B 63 15.16 10.63 -10.10
C SER B 63 14.13 11.42 -9.31
N TYR B 64 14.45 11.71 -8.04
CA TYR B 64 13.54 12.40 -7.14
C TYR B 64 14.24 13.13 -5.99
N ARG B 65 15.57 13.25 -6.06
CA ARG B 65 16.39 13.44 -4.86
C ARG B 65 16.42 14.86 -4.29
N GLN B 66 16.77 15.84 -5.13
CA GLN B 66 16.75 17.24 -4.70
C GLN B 66 15.48 17.92 -5.21
N ARG B 67 14.32 17.44 -4.74
CA ARG B 67 13.05 17.94 -5.24
C ARG B 67 11.85 17.43 -4.45
N ALA B 68 11.78 16.11 -4.24
CA ALA B 68 10.66 15.49 -3.56
C ALA B 68 10.91 15.35 -2.06
N ARG B 69 10.37 16.29 -1.27
CA ARG B 69 10.44 16.20 0.18
C ARG B 69 9.03 16.36 0.74
N LEU B 70 8.76 15.62 1.82
CA LEU B 70 7.52 15.74 2.57
C LEU B 70 7.68 16.84 3.61
N LEU B 71 6.68 17.73 3.68
CA LEU B 71 6.69 18.81 4.66
C LEU B 71 6.44 18.25 6.06
N LYS B 72 7.45 18.40 6.92
CA LYS B 72 7.46 17.77 8.23
C LYS B 72 6.44 18.40 9.16
N ASP B 73 6.47 19.74 9.21
CA ASP B 73 5.53 20.53 9.99
C ASP B 73 4.05 20.21 9.74
N GLN B 74 3.71 19.88 8.48
CA GLN B 74 2.34 19.62 8.08
C GLN B 74 1.69 18.40 8.73
N LEU B 75 2.51 17.45 9.19
CA LEU B 75 2.00 16.22 9.77
C LEU B 75 1.43 16.44 11.17
N SER B 76 1.88 17.50 11.86
CA SER B 76 1.29 17.90 13.12
C SER B 76 -0.18 18.28 12.94
N LEU B 77 -0.49 18.88 11.78
CA LEU B 77 -1.83 19.31 11.44
C LEU B 77 -2.76 18.13 11.16
N GLY B 78 -2.17 17.01 10.72
CA GLY B 78 -2.93 15.86 10.28
C GLY B 78 -3.03 15.83 8.76
N ASN B 79 -1.88 16.02 8.11
CA ASN B 79 -1.82 16.06 6.65
C ASN B 79 -0.42 15.75 6.14
N ALA B 80 -0.32 14.64 5.39
CA ALA B 80 0.89 14.29 4.67
C ALA B 80 0.97 15.13 3.39
N ALA B 81 1.77 16.20 3.44
CA ALA B 81 1.90 17.13 2.33
C ALA B 81 3.20 16.89 1.57
N LEU B 82 3.10 16.17 0.45
CA LEU B 82 4.26 15.88 -0.39
C LEU B 82 4.50 17.03 -1.36
N GLN B 83 5.70 17.61 -1.31
CA GLN B 83 6.08 18.70 -2.20
C GLN B 83 7.04 18.21 -3.28
N ILE B 84 6.82 18.71 -4.51
CA ILE B 84 7.79 18.60 -5.59
C ILE B 84 8.14 20.03 -6.04
N THR B 85 9.44 20.32 -6.12
CA THR B 85 9.91 21.57 -6.70
C THR B 85 10.47 21.27 -8.09
N ASP B 86 10.21 22.18 -9.04
CA ASP B 86 10.63 22.04 -10.43
C ASP B 86 10.03 20.77 -11.04
N VAL B 87 8.75 20.85 -11.42
CA VAL B 87 8.02 19.72 -11.97
C VAL B 87 8.48 19.42 -13.40
N LYS B 88 8.49 18.13 -13.74
CA LYS B 88 8.85 17.65 -15.06
C LYS B 88 7.66 16.90 -15.65
N LEU B 89 7.72 16.65 -16.96
CA LEU B 89 6.74 15.83 -17.65
C LEU B 89 6.82 14.40 -17.09
N GLN B 90 8.06 13.97 -16.83
CA GLN B 90 8.37 12.64 -16.33
C GLN B 90 7.62 12.32 -15.03
N ASP B 91 7.37 13.35 -14.22
CA ASP B 91 6.69 13.17 -12.93
C ASP B 91 5.19 12.96 -13.05
N ALA B 92 4.61 13.28 -14.21
CA ALA B 92 3.18 13.09 -14.42
C ALA B 92 2.81 11.61 -14.28
N GLY B 93 1.66 11.34 -13.66
CA GLY B 93 1.21 9.97 -13.44
C GLY B 93 0.25 9.82 -12.26
N VAL B 94 0.11 8.58 -11.77
CA VAL B 94 -0.75 8.29 -10.64
C VAL B 94 0.08 8.10 -9.38
N TYR B 95 -0.24 8.89 -8.34
CA TYR B 95 0.51 8.89 -7.09
C TYR B 95 -0.26 8.21 -5.97
N ARG B 96 0.27 7.09 -5.49
CA ARG B 96 -0.20 6.43 -4.28
C ARG B 96 0.43 7.06 -3.04
N CYS B 97 -0.36 7.12 -1.96
CA CYS B 97 0.15 7.36 -0.62
C CYS B 97 -0.38 6.25 0.27
N MET B 98 0.39 5.89 1.32
CA MET B 98 -0.08 5.00 2.37
C MET B 98 0.26 5.52 3.77
N ILE B 99 -0.69 5.38 4.70
CA ILE B 99 -0.53 5.89 6.06
C ILE B 99 -1.06 4.90 7.09
N SER B 100 -0.32 4.75 8.20
CA SER B 100 -0.74 3.95 9.33
C SER B 100 -0.51 4.70 10.62
N TYR B 101 -1.60 5.22 11.20
CA TYR B 101 -1.58 5.83 12.53
C TYR B 101 -2.88 5.43 13.23
N GLY B 102 -2.78 4.46 14.13
CA GLY B 102 -3.96 3.84 14.72
C GLY B 102 -4.58 2.82 13.77
N GLY B 103 -5.29 3.31 12.75
CA GLY B 103 -5.76 2.47 11.66
C GLY B 103 -4.79 2.48 10.47
N ALA B 104 -5.32 2.23 9.28
CA ALA B 104 -4.55 2.31 8.04
C ALA B 104 -5.47 2.40 6.83
N ASP B 105 -4.99 3.08 5.79
CA ASP B 105 -5.72 3.23 4.54
C ASP B 105 -4.76 3.79 3.50
N TYR B 106 -5.20 3.85 2.24
CA TYR B 106 -4.42 4.48 1.18
C TYR B 106 -5.32 5.15 0.16
N LYS B 107 -4.72 6.02 -0.67
CA LYS B 107 -5.44 6.73 -1.72
C LYS B 107 -4.53 7.02 -2.92
N ARG B 108 -5.14 7.05 -4.11
CA ARG B 108 -4.45 7.37 -5.36
C ARG B 108 -4.83 8.78 -5.79
N ILE B 109 -3.88 9.48 -6.41
CA ILE B 109 -4.08 10.84 -6.89
C ILE B 109 -3.51 10.97 -8.30
N THR B 110 -4.35 11.43 -9.23
CA THR B 110 -3.91 11.62 -10.62
C THR B 110 -3.22 12.98 -10.73
N VAL B 111 -2.11 12.99 -11.49
CA VAL B 111 -1.28 14.19 -11.66
C VAL B 111 -0.96 14.35 -13.13
N LYS B 112 -1.37 15.50 -13.71
CA LYS B 112 -1.22 15.77 -15.13
C LYS B 112 -0.54 17.11 -15.37
N VAL B 113 0.65 17.08 -15.97
CA VAL B 113 1.47 18.27 -16.13
C VAL B 113 1.16 18.99 -17.45
N ASN B 114 1.28 20.33 -17.42
CA ASN B 114 1.09 21.17 -18.61
C ASN B 114 2.41 21.83 -18.99
N ALA B 115 2.46 22.47 -20.17
CA ALA B 115 3.70 23.06 -20.64
C ALA B 115 3.47 24.14 -21.68
N PRO B 116 3.46 25.45 -21.29
CA PRO B 116 3.29 26.53 -22.26
C PRO B 116 4.54 26.81 -23.09
C15 VYC C . -0.77 -0.09 4.91
C16 VYC C . -2.05 0.25 4.48
C17 VYC C . -3.12 -0.62 4.44
C18 VYC C . -2.91 -1.92 4.85
C19 VYC C . -1.66 -2.33 5.27
C20 VYC C . -0.61 -1.43 5.30
C21 VYC C . 6.74 0.70 2.70
C22 VYC C . 7.98 0.05 2.77
C23 VYC C . 8.56 0.07 0.39
C24 VYC C . 8.97 -0.91 -0.66
C25 VYC C . 9.91 -0.57 -1.62
C26 VYC C . 10.30 -1.50 -2.61
C27 VYC C . 9.69 -2.76 -2.58
C28 VYC C . 8.43 -2.19 -0.74
O1 VYC C . 10.57 -4.46 2.71
C1 VYC C . 11.38 -3.71 3.60
C2 VYC C . 11.66 -2.34 3.08
N1 VYC C . 10.41 -1.54 2.91
C3 VYC C . 10.04 -0.68 4.07
C4 VYC C . 8.71 0.01 3.97
C5 VYC C . 8.16 0.65 5.09
C6 VYC C . 6.94 1.31 5.02
C7 VYC C . 6.24 1.33 3.83
O2 VYC C . 5.02 1.95 3.79
C8 VYC C . 3.88 1.15 3.44
C9 VYC C . 2.64 1.47 4.24
C10 VYC C . 2.54 2.62 5.00
C11 VYC C . 1.40 2.89 5.73
C12 VYC C . 0.32 2.02 5.70
C13 VYC C . 0.38 0.85 4.94
C14 VYC C . 1.55 0.59 4.22
CL1 VYC C . 1.65 -0.87 3.26
F1 VYC C . -2.28 1.53 4.09
O3 VYC C . 8.52 -0.59 1.68
N2 VYC C . 8.77 -3.10 -1.67
C29 VYC C . 11.29 -1.18 -3.61
N3 VYC C . 12.09 -0.95 -4.39
#